data_7A1S
#
_entry.id   7A1S
#
_cell.length_a   86.089
_cell.length_b   86.089
_cell.length_c   148.417
_cell.angle_alpha   90.000
_cell.angle_beta   90.000
_cell.angle_gamma   90.000
#
_symmetry.space_group_name_H-M   'P 41 21 2'
#
loop_
_entity.id
_entity.type
_entity.pdbx_description
1 polymer 'Hypoxia-inducible factor 1-alpha inhibitor'
2 polymer TANKYRASE-2
3 non-polymer 'SULFATE ION'
4 non-polymer '(3~{S})-3-methyl-2-oxidanylidene-pentanedioic acid'
5 non-polymer 'ZINC ION'
6 water water
#
loop_
_entity_poly.entity_id
_entity_poly.type
_entity_poly.pdbx_seq_one_letter_code
_entity_poly.pdbx_strand_id
1 'polypeptide(L)'
;MAATAAEAVASGSGEPREEAGALGPAWDESQLRSYSFPTRPIPRLSQSDPRAEELIENEEPVVLTDTNLVYPALKWDLEY
LQENIGNGDFSVYSASTHKFLYYDEKKMANFQNFKPRSNREEMKFHEFVEKLQDIQQRGGEERLYLQQTLNDTVGRKIVM
DFLGFNWNWINKQQGKRGWGQLTSNLLLIGMEGNVTPAHYDEQQNFFAQIKGYKRCILFPPDQFECLYPYPVHHPCDRQS
QVDFDNPDYERFPNFQNVVGYETVVGPGDVLYIPMYWWHHIESLLNGGITITVNFWYKGAPTPKRIEYPLKAHQKVAIMR
NIEKMLGEALGNPQEVGPLLNTMIKGRYN
;
A
2 'polypeptide(L)' NLEVAEYLLQHGADVNAQDK B
#
# COMPACT_ATOMS: atom_id res chain seq x y z
N GLU A 15 -13.49 12.08 15.72
CA GLU A 15 -12.78 10.84 15.45
C GLU A 15 -11.37 10.74 16.07
N PRO A 16 -10.63 11.85 16.22
CA PRO A 16 -9.31 11.74 16.84
C PRO A 16 -9.40 11.26 18.28
N ARG A 17 -8.64 10.21 18.59
CA ARG A 17 -8.69 9.60 19.92
C ARG A 17 -7.86 10.40 20.91
N GLU A 18 -8.36 10.48 22.14
CA GLU A 18 -7.62 11.13 23.22
C GLU A 18 -6.58 10.17 23.78
N GLU A 19 -5.34 10.63 23.87
CA GLU A 19 -4.26 9.80 24.37
C GLU A 19 -4.27 9.76 25.90
N ALA A 20 -3.87 8.62 26.44
CA ALA A 20 -3.91 8.40 27.87
C ALA A 20 -3.01 9.39 28.60
N GLY A 21 -3.27 9.56 29.90
CA GLY A 21 -2.53 10.54 30.68
C GLY A 21 -2.95 11.97 30.42
N ALA A 22 -4.11 12.18 29.80
CA ALA A 22 -4.62 13.51 29.51
C ALA A 22 -3.66 14.29 28.62
N LEU A 23 -2.95 13.60 27.75
CA LEU A 23 -1.99 14.24 26.85
C LEU A 23 -2.65 14.86 25.63
N GLY A 24 -3.98 14.88 25.56
CA GLY A 24 -4.68 15.58 24.53
C GLY A 24 -4.85 14.77 23.26
N PRO A 25 -5.49 15.36 22.25
CA PRO A 25 -5.69 14.64 20.99
C PRO A 25 -4.37 14.45 20.26
N ALA A 26 -4.15 13.22 19.79
CA ALA A 26 -2.89 12.91 19.12
C ALA A 26 -2.73 13.69 17.82
N TRP A 27 -3.82 13.95 17.12
CA TRP A 27 -3.77 14.66 15.85
C TRP A 27 -5.04 15.49 15.71
N ASP A 28 -5.06 16.30 14.65
CA ASP A 28 -6.15 17.25 14.42
C ASP A 28 -6.54 17.22 12.96
N GLU A 29 -7.83 17.46 12.70
CA GLU A 29 -8.34 17.38 11.33
C GLU A 29 -7.59 18.32 10.39
N SER A 30 -7.03 19.41 10.91
CA SER A 30 -6.29 20.33 10.06
C SER A 30 -5.07 19.68 9.43
N GLN A 31 -4.62 18.55 9.95
CA GLN A 31 -3.48 17.84 9.40
C GLN A 31 -3.85 16.91 8.26
N LEU A 32 -5.10 16.91 7.83
CA LEU A 32 -5.58 16.03 6.77
C LEU A 32 -5.73 16.83 5.47
N ARG A 33 -5.28 16.23 4.37
CA ARG A 33 -5.47 16.84 3.06
C ARG A 33 -6.93 16.76 2.64
N SER A 34 -7.34 17.70 1.79
CA SER A 34 -8.72 17.80 1.35
C SER A 34 -8.91 17.07 0.02
N TYR A 35 -10.01 16.32 -0.08
CA TYR A 35 -10.30 15.55 -1.28
C TYR A 35 -11.78 15.71 -1.63
N SER A 36 -12.13 15.26 -2.84
CA SER A 36 -13.43 15.53 -3.42
C SER A 36 -14.48 14.49 -3.09
N PHE A 37 -14.12 13.41 -2.40
CA PHE A 37 -15.04 12.31 -2.21
C PHE A 37 -15.39 12.12 -0.74
N PRO A 38 -16.55 11.54 -0.45
CA PRO A 38 -16.89 11.25 0.95
C PRO A 38 -16.24 9.95 1.43
N THR A 39 -16.26 9.77 2.74
CA THR A 39 -15.72 8.55 3.34
C THR A 39 -16.53 8.21 4.57
N ARG A 40 -16.39 6.96 5.01
CA ARG A 40 -16.91 6.52 6.29
C ARG A 40 -15.82 5.74 7.01
N PRO A 41 -15.85 5.72 8.34
CA PRO A 41 -14.68 5.24 9.09
C PRO A 41 -14.53 3.72 9.03
N ILE A 42 -13.28 3.28 9.08
CA ILE A 42 -12.97 1.86 9.24
C ILE A 42 -13.14 1.52 10.71
N PRO A 43 -13.67 0.34 11.06
CA PRO A 43 -13.84 0.01 12.48
C PRO A 43 -12.50 -0.11 13.19
N ARG A 44 -12.46 0.38 14.42
CA ARG A 44 -11.33 0.19 15.33
C ARG A 44 -11.76 -0.77 16.41
N LEU A 45 -11.16 -1.96 16.43
CA LEU A 45 -11.61 -3.03 17.32
C LEU A 45 -10.42 -3.69 18.01
N SER A 46 -10.73 -4.42 19.07
CA SER A 46 -9.75 -5.27 19.72
C SER A 46 -9.61 -6.59 18.95
N GLN A 47 -8.39 -7.13 18.95
CA GLN A 47 -8.15 -8.40 18.27
C GLN A 47 -8.98 -9.53 18.88
N SER A 48 -9.46 -9.36 20.11
CA SER A 48 -10.33 -10.35 20.74
C SER A 48 -11.80 -10.17 20.38
N ASP A 49 -12.15 -9.10 19.67
CA ASP A 49 -13.54 -8.88 19.29
C ASP A 49 -13.91 -9.80 18.13
N PRO A 50 -15.00 -10.58 18.24
CA PRO A 50 -15.36 -11.46 17.12
C PRO A 50 -15.70 -10.72 15.85
N ARG A 51 -16.17 -9.46 15.96
CA ARG A 51 -16.42 -8.67 14.76
C ARG A 51 -15.14 -8.44 13.98
N ALA A 52 -14.01 -8.24 14.67
CA ALA A 52 -12.74 -8.10 13.99
C ALA A 52 -12.38 -9.37 13.23
N GLU A 53 -12.59 -10.53 13.86
CA GLU A 53 -12.36 -11.80 13.19
C GLU A 53 -13.28 -11.94 11.98
N GLU A 54 -14.52 -11.48 12.10
CA GLU A 54 -15.48 -11.59 11.00
C GLU A 54 -15.07 -10.72 9.83
N LEU A 55 -14.54 -9.53 10.10
CA LEU A 55 -14.14 -8.64 9.02
C LEU A 55 -12.95 -9.20 8.24
N ILE A 56 -11.95 -9.73 8.96
CA ILE A 56 -10.78 -10.27 8.27
C ILE A 56 -11.18 -11.50 7.45
N GLU A 57 -12.03 -12.36 8.00
CA GLU A 57 -12.45 -13.55 7.27
C GLU A 57 -13.19 -13.18 5.98
N ASN A 58 -14.04 -12.16 6.03
CA ASN A 58 -14.73 -11.68 4.85
C ASN A 58 -13.89 -10.73 4.02
N GLU A 59 -12.60 -10.60 4.33
CA GLU A 59 -11.69 -9.75 3.57
C GLU A 59 -12.18 -8.32 3.50
N GLU A 60 -12.48 -7.75 4.66
CA GLU A 60 -12.84 -6.35 4.80
C GLU A 60 -11.89 -5.67 5.77
N PRO A 61 -11.57 -4.39 5.55
CA PRO A 61 -10.55 -3.74 6.39
C PRO A 61 -11.01 -3.57 7.82
N VAL A 62 -10.03 -3.58 8.73
CA VAL A 62 -10.27 -3.33 10.14
C VAL A 62 -8.98 -2.86 10.77
N VAL A 63 -9.09 -1.95 11.72
CA VAL A 63 -7.95 -1.50 12.52
C VAL A 63 -7.97 -2.26 13.84
N LEU A 64 -6.90 -2.99 14.11
CA LEU A 64 -6.74 -3.72 15.36
C LEU A 64 -5.85 -2.90 16.29
N THR A 65 -6.34 -2.62 17.49
CA THR A 65 -5.69 -1.67 18.37
C THR A 65 -4.73 -2.32 19.36
N ASP A 66 -4.79 -3.64 19.55
CA ASP A 66 -4.10 -4.27 20.67
C ASP A 66 -3.50 -5.61 20.26
N THR A 67 -2.89 -5.68 19.08
CA THR A 67 -2.26 -6.93 18.66
C THR A 67 -0.88 -7.12 19.30
N ASN A 68 -0.20 -6.04 19.66
CA ASN A 68 1.21 -6.08 20.06
C ASN A 68 2.05 -6.70 18.95
N LEU A 69 1.62 -6.53 17.70
CA LEU A 69 2.31 -7.17 16.58
C LEU A 69 3.76 -6.73 16.49
N VAL A 70 4.01 -5.43 16.61
CA VAL A 70 5.37 -4.91 16.53
C VAL A 70 5.70 -4.17 17.83
N TYR A 71 5.26 -4.72 18.95
CA TYR A 71 5.51 -4.08 20.24
C TYR A 71 6.98 -3.71 20.44
N PRO A 72 7.95 -4.59 20.17
CA PRO A 72 9.36 -4.19 20.37
C PRO A 72 9.80 -3.04 19.48
N ALA A 73 9.14 -2.82 18.34
CA ALA A 73 9.54 -1.77 17.42
C ALA A 73 8.97 -0.41 17.79
N LEU A 74 8.08 -0.33 18.77
CA LEU A 74 7.49 0.95 19.13
C LEU A 74 8.50 1.90 19.76
N LYS A 75 9.65 1.39 20.20
CA LYS A 75 10.73 2.23 20.67
C LYS A 75 11.62 2.72 19.54
N TRP A 76 11.32 2.37 18.30
CA TRP A 76 12.18 2.72 17.18
C TRP A 76 12.09 4.22 16.88
N ASP A 77 13.25 4.84 16.71
CA ASP A 77 13.36 6.16 16.14
C ASP A 77 14.61 6.18 15.26
N LEU A 78 14.88 7.31 14.63
CA LEU A 78 16.00 7.37 13.68
C LEU A 78 17.32 7.09 14.40
N GLU A 79 17.46 7.54 15.64
CA GLU A 79 18.69 7.29 16.38
C GLU A 79 18.89 5.81 16.65
N TYR A 80 17.87 5.16 17.21
CA TYR A 80 17.97 3.74 17.51
C TYR A 80 18.23 2.92 16.26
N LEU A 81 17.50 3.22 15.17
CA LEU A 81 17.65 2.44 13.95
C LEU A 81 19.04 2.64 13.34
N GLN A 82 19.50 3.88 13.26
CA GLN A 82 20.82 4.14 12.69
C GLN A 82 21.90 3.38 13.45
N GLU A 83 21.77 3.29 14.77
CA GLU A 83 22.79 2.62 15.57
C GLU A 83 22.73 1.10 15.41
N ASN A 84 21.57 0.55 15.06
CA ASN A 84 21.35 -0.89 15.14
C ASN A 84 20.92 -1.55 13.84
N ILE A 85 20.50 -0.80 12.81
CA ILE A 85 19.92 -1.44 11.62
C ILE A 85 20.98 -1.91 10.65
N GLY A 86 22.26 -1.75 10.96
CA GLY A 86 23.31 -2.31 10.13
C GLY A 86 23.79 -1.35 9.06
N ASN A 87 24.61 -1.89 8.16
CA ASN A 87 25.30 -1.11 7.13
C ASN A 87 24.87 -1.54 5.73
N GLY A 88 23.65 -2.07 5.60
CA GLY A 88 23.16 -2.46 4.30
C GLY A 88 22.59 -1.29 3.52
N ASP A 89 22.32 -1.55 2.24
CA ASP A 89 21.74 -0.52 1.37
C ASP A 89 20.25 -0.37 1.64
N PHE A 90 19.77 0.87 1.58
CA PHE A 90 18.36 1.19 1.76
C PHE A 90 17.86 1.96 0.56
N SER A 91 16.77 1.50 -0.05
CA SER A 91 16.15 2.23 -1.14
C SER A 91 15.45 3.46 -0.58
N VAL A 92 15.86 4.64 -1.04
CA VAL A 92 15.29 5.91 -0.60
C VAL A 92 14.81 6.66 -1.83
N TYR A 93 13.52 7.00 -1.85
CA TYR A 93 12.94 7.73 -2.96
C TYR A 93 12.99 9.22 -2.69
N SER A 94 13.30 9.99 -3.73
CA SER A 94 13.39 11.44 -3.66
C SER A 94 12.42 12.06 -4.64
N ALA A 95 11.69 13.07 -4.19
CA ALA A 95 10.73 13.76 -5.06
C ALA A 95 10.58 15.20 -4.60
N SER A 96 10.18 16.05 -5.53
CA SER A 96 9.86 17.44 -5.21
C SER A 96 8.38 17.64 -4.93
N THR A 97 7.55 16.63 -5.18
CA THR A 97 6.13 16.65 -4.86
C THR A 97 5.87 15.75 -3.66
N HIS A 98 4.75 16.00 -2.99
CA HIS A 98 4.35 15.16 -1.87
C HIS A 98 3.87 13.78 -2.32
N LYS A 99 3.62 13.60 -3.62
CA LYS A 99 3.15 12.33 -4.15
C LYS A 99 4.34 11.44 -4.49
N PHE A 100 4.38 10.25 -3.90
CA PHE A 100 5.38 9.24 -4.22
C PHE A 100 4.70 8.10 -4.97
N LEU A 101 4.33 8.38 -6.22
CA LEU A 101 3.70 7.38 -7.06
C LEU A 101 4.66 6.23 -7.32
N TYR A 102 4.21 5.01 -7.02
CA TYR A 102 5.04 3.84 -7.25
C TYR A 102 5.08 3.51 -8.75
N TYR A 103 6.25 3.10 -9.23
CA TYR A 103 6.42 2.68 -10.60
C TYR A 103 7.37 1.49 -10.64
N ASP A 104 7.08 0.54 -11.52
CA ASP A 104 7.90 -0.65 -11.70
C ASP A 104 8.99 -0.33 -12.71
N GLU A 105 10.24 -0.34 -12.26
CA GLU A 105 11.34 0.03 -13.13
C GLU A 105 11.53 -0.97 -14.27
N LYS A 106 11.15 -2.23 -14.06
CA LYS A 106 11.33 -3.23 -15.10
C LYS A 106 10.40 -3.01 -16.29
N LYS A 107 9.36 -2.18 -16.13
CA LYS A 107 8.38 -1.93 -17.18
C LYS A 107 8.60 -0.61 -17.89
N MET A 108 9.59 0.19 -17.47
CA MET A 108 9.80 1.49 -18.10
C MET A 108 10.31 1.37 -19.52
N ALA A 109 10.87 0.22 -19.90
CA ALA A 109 11.35 0.04 -21.26
C ALA A 109 10.21 0.17 -22.27
N ASN A 110 9.04 -0.35 -21.93
CA ASN A 110 7.90 -0.37 -22.83
C ASN A 110 7.07 0.91 -22.78
N PHE A 111 7.42 1.86 -21.91
CA PHE A 111 6.77 3.16 -21.84
C PHE A 111 7.86 4.21 -21.61
N GLN A 112 8.76 4.34 -22.58
CA GLN A 112 9.93 5.20 -22.43
C GLN A 112 9.60 6.69 -22.54
N ASN A 113 8.35 7.05 -22.76
CA ASN A 113 7.90 8.44 -22.60
C ASN A 113 7.32 8.70 -21.21
N PHE A 114 7.45 7.74 -20.30
CA PHE A 114 7.07 7.95 -18.91
C PHE A 114 8.30 8.37 -18.12
N LYS A 115 8.23 9.53 -17.49
CA LYS A 115 9.33 10.04 -16.66
C LYS A 115 8.84 10.18 -15.23
N PRO A 116 9.26 9.30 -14.31
CA PRO A 116 8.72 9.39 -12.94
C PRO A 116 9.13 10.68 -12.27
N ARG A 117 8.27 11.17 -11.39
CA ARG A 117 8.53 12.37 -10.61
C ARG A 117 9.29 12.08 -9.33
N SER A 118 9.57 10.81 -9.03
CA SER A 118 10.40 10.42 -7.91
C SER A 118 11.50 9.50 -8.40
N ASN A 119 12.66 9.57 -7.75
CA ASN A 119 13.83 8.79 -8.14
C ASN A 119 14.33 7.97 -6.95
N ARG A 120 14.81 6.77 -7.23
CA ARG A 120 15.30 5.86 -6.21
C ARG A 120 16.81 6.00 -6.07
N GLU A 121 17.30 6.08 -4.84
CA GLU A 121 18.73 6.19 -4.56
C GLU A 121 19.08 5.18 -3.47
N GLU A 122 20.04 4.30 -3.78
CA GLU A 122 20.56 3.38 -2.78
C GLU A 122 21.51 4.11 -1.85
N MET A 123 21.33 3.90 -0.54
N MET A 123 21.43 3.79 -0.56
CA MET A 123 22.03 4.68 0.46
CA MET A 123 21.99 4.68 0.45
C MET A 123 22.16 3.87 1.72
C MET A 123 22.08 3.95 1.78
N LYS A 124 23.11 4.28 2.56
CA LYS A 124 23.23 3.74 3.91
C LYS A 124 22.30 4.50 4.84
N PHE A 125 21.92 3.85 5.94
CA PHE A 125 20.93 4.47 6.82
C PHE A 125 21.43 5.79 7.37
N HIS A 126 22.71 5.85 7.78
CA HIS A 126 23.22 7.10 8.35
C HIS A 126 23.21 8.22 7.32
N GLU A 127 23.36 7.90 6.03
CA GLU A 127 23.27 8.92 5.00
C GLU A 127 21.84 9.41 4.84
N PHE A 128 20.87 8.52 4.99
CA PHE A 128 19.47 8.92 4.93
C PHE A 128 19.13 9.88 6.07
N VAL A 129 19.62 9.60 7.27
CA VAL A 129 19.41 10.51 8.39
C VAL A 129 20.10 11.85 8.12
N GLU A 130 21.29 11.80 7.51
CA GLU A 130 22.01 13.03 7.21
C GLU A 130 21.28 13.83 6.13
N LYS A 131 20.84 13.17 5.06
CA LYS A 131 20.06 13.85 4.04
C LYS A 131 18.80 14.45 4.65
N LEU A 132 18.15 13.70 5.54
CA LEU A 132 16.98 14.23 6.23
C LEU A 132 17.34 15.48 7.01
N GLN A 133 18.44 15.43 7.77
CA GLN A 133 18.83 16.57 8.59
C GLN A 133 19.19 17.78 7.74
N ASP A 134 19.94 17.56 6.66
CA ASP A 134 20.35 18.68 5.82
C ASP A 134 19.14 19.40 5.22
N ILE A 135 18.14 18.63 4.78
CA ILE A 135 16.92 19.24 4.27
C ILE A 135 16.23 20.05 5.36
N GLN A 136 16.10 19.45 6.55
CA GLN A 136 15.50 20.16 7.67
C GLN A 136 16.24 21.47 7.95
N GLN A 137 17.57 21.43 7.90
CA GLN A 137 18.36 22.62 8.21
C GLN A 137 18.11 23.71 7.17
N ARG A 138 18.36 23.41 5.90
CA ARG A 138 18.29 24.41 4.84
C ARG A 138 16.86 24.75 4.43
N GLY A 139 15.85 24.25 5.15
CA GLY A 139 14.48 24.56 4.80
C GLY A 139 14.08 24.14 3.41
N GLY A 140 14.83 23.26 2.77
CA GLY A 140 14.49 22.80 1.45
C GLY A 140 13.14 22.12 1.40
N GLU A 141 12.67 21.90 0.17
CA GLU A 141 11.37 21.26 -0.06
C GLU A 141 11.49 19.89 -0.71
N GLU A 142 12.71 19.39 -0.89
CA GLU A 142 12.87 18.00 -1.30
C GLU A 142 12.24 17.08 -0.26
N ARG A 143 11.68 15.98 -0.73
CA ARG A 143 11.01 15.00 0.12
C ARG A 143 11.65 13.64 -0.07
N LEU A 144 11.76 12.89 1.02
CA LEU A 144 12.35 11.56 1.02
C LEU A 144 11.35 10.57 1.58
N TYR A 145 11.36 9.35 1.03
CA TYR A 145 10.52 8.26 1.52
C TYR A 145 11.35 6.98 1.45
N LEU A 146 11.84 6.54 2.60
CA LEU A 146 12.60 5.30 2.68
C LEU A 146 11.64 4.12 2.63
N GLN A 147 11.88 3.19 1.71
CA GLN A 147 11.04 2.01 1.53
C GLN A 147 11.98 0.83 1.26
N GLN A 148 12.19 -0.01 2.28
CA GLN A 148 13.18 -1.07 2.21
C GLN A 148 12.66 -2.32 2.87
N THR A 149 12.70 -3.44 2.15
CA THR A 149 12.38 -4.73 2.74
C THR A 149 13.43 -5.13 3.76
N LEU A 150 12.99 -5.60 4.92
CA LEU A 150 13.92 -6.05 5.95
C LEU A 150 14.60 -7.34 5.50
N ASN A 151 15.90 -7.44 5.79
CA ASN A 151 16.69 -8.60 5.39
C ASN A 151 17.69 -8.91 6.52
N ASP A 152 18.55 -9.89 6.26
CA ASP A 152 19.47 -10.37 7.28
C ASP A 152 20.72 -9.50 7.43
N THR A 153 20.77 -8.34 6.78
CA THR A 153 21.87 -7.41 7.00
C THR A 153 21.68 -6.57 8.26
N VAL A 154 20.51 -6.66 8.91
CA VAL A 154 20.21 -5.79 10.04
C VAL A 154 20.98 -6.25 11.27
N GLY A 155 21.24 -5.30 12.16
CA GLY A 155 22.01 -5.59 13.35
C GLY A 155 21.29 -6.51 14.32
N ARG A 156 22.04 -6.92 15.35
CA ARG A 156 21.52 -7.92 16.28
C ARG A 156 20.31 -7.42 17.05
N LYS A 157 20.35 -6.17 17.51
CA LYS A 157 19.21 -5.65 18.28
C LYS A 157 17.95 -5.58 17.44
N ILE A 158 18.08 -5.29 16.13
CA ILE A 158 16.92 -5.30 15.26
C ILE A 158 16.42 -6.72 15.06
N VAL A 159 17.33 -7.69 14.98
CA VAL A 159 16.93 -9.09 14.92
C VAL A 159 16.14 -9.47 16.15
N MET A 160 16.62 -9.08 17.33
CA MET A 160 15.91 -9.37 18.57
C MET A 160 14.52 -8.75 18.55
N ASP A 161 14.42 -7.49 18.11
CA ASP A 161 13.11 -6.84 18.01
C ASP A 161 12.22 -7.60 17.05
N PHE A 162 12.74 -7.93 15.86
CA PHE A 162 11.98 -8.67 14.87
C PHE A 162 11.47 -9.99 15.45
N LEU A 163 12.34 -10.73 16.14
CA LEU A 163 11.92 -11.98 16.77
C LEU A 163 10.84 -11.74 17.83
N GLY A 164 10.81 -10.54 18.40
CA GLY A 164 9.83 -10.20 19.42
C GLY A 164 8.46 -9.82 18.91
N PHE A 165 8.27 -9.77 17.59
CA PHE A 165 6.94 -9.50 17.06
C PHE A 165 5.97 -10.61 17.49
N ASN A 166 4.68 -10.31 17.43
CA ASN A 166 3.66 -11.27 17.85
C ASN A 166 3.40 -12.26 16.71
N TRP A 167 4.37 -13.15 16.50
CA TRP A 167 4.25 -14.16 15.46
C TRP A 167 3.16 -15.16 15.81
N ASN A 168 2.91 -15.39 17.09
CA ASN A 168 1.83 -16.29 17.49
C ASN A 168 0.50 -15.84 16.91
N TRP A 169 0.21 -14.53 16.97
CA TRP A 169 -1.07 -14.02 16.50
C TRP A 169 -1.15 -14.02 14.99
N ILE A 170 -0.11 -13.53 14.31
CA ILE A 170 -0.19 -13.36 12.87
C ILE A 170 -0.04 -14.71 12.15
N ASN A 171 0.72 -15.65 12.72
CA ASN A 171 0.80 -16.98 12.15
C ASN A 171 -0.57 -17.66 12.18
N LYS A 172 -1.33 -17.46 13.26
CA LYS A 172 -2.67 -18.02 13.34
C LYS A 172 -3.60 -17.36 12.33
N GLN A 173 -3.43 -16.06 12.08
CA GLN A 173 -4.18 -15.41 11.02
C GLN A 173 -3.85 -16.03 9.66
N GLN A 174 -2.56 -16.14 9.35
CA GLN A 174 -2.14 -16.77 8.10
C GLN A 174 -2.79 -18.14 7.93
N GLY A 175 -2.80 -18.94 8.99
CA GLY A 175 -3.38 -20.28 8.89
C GLY A 175 -4.89 -20.26 8.76
N LYS A 176 -5.56 -19.41 9.56
CA LYS A 176 -7.02 -19.38 9.53
C LYS A 176 -7.56 -18.91 8.19
N ARG A 177 -6.83 -18.03 7.49
CA ARG A 177 -7.28 -17.52 6.20
C ARG A 177 -6.75 -18.32 5.02
N GLY A 178 -5.91 -19.34 5.26
CA GLY A 178 -5.35 -20.10 4.17
C GLY A 178 -4.39 -19.33 3.29
N TRP A 179 -3.85 -18.22 3.79
CA TRP A 179 -2.92 -17.43 3.00
C TRP A 179 -1.66 -18.23 2.68
N GLY A 180 -0.92 -17.74 1.69
CA GLY A 180 0.38 -18.30 1.36
C GLY A 180 1.47 -17.79 2.28
N GLN A 181 2.70 -17.80 1.77
CA GLN A 181 3.85 -17.43 2.58
C GLN A 181 3.88 -15.93 2.87
N LEU A 182 4.50 -15.57 4.00
CA LEU A 182 4.96 -14.20 4.20
C LEU A 182 6.08 -13.93 3.22
N THR A 183 5.90 -12.91 2.37
CA THR A 183 6.91 -12.61 1.35
C THR A 183 7.86 -11.49 1.75
N SER A 184 7.40 -10.51 2.53
CA SER A 184 8.19 -9.31 2.76
C SER A 184 7.71 -8.61 4.02
N ASN A 185 8.62 -7.87 4.63
CA ASN A 185 8.30 -6.86 5.64
C ASN A 185 8.92 -5.56 5.15
N LEU A 186 8.10 -4.66 4.63
CA LEU A 186 8.58 -3.40 4.07
C LEU A 186 8.71 -2.38 5.18
N LEU A 187 9.92 -1.88 5.40
CA LEU A 187 10.15 -0.79 6.33
C LEU A 187 9.89 0.55 5.62
N LEU A 188 9.00 1.35 6.20
CA LEU A 188 8.58 2.61 5.61
C LEU A 188 8.86 3.74 6.59
N ILE A 189 9.71 4.67 6.18
CA ILE A 189 10.03 5.86 6.96
C ILE A 189 9.83 7.06 6.05
N GLY A 190 8.80 7.86 6.32
CA GLY A 190 8.44 8.96 5.46
C GLY A 190 8.43 10.29 6.17
N MET A 191 8.50 11.37 5.41
CA MET A 191 8.42 12.72 5.94
C MET A 191 6.95 13.14 6.07
N GLU A 192 6.70 14.02 7.03
CA GLU A 192 5.36 14.59 7.19
C GLU A 192 4.85 15.11 5.87
N GLY A 193 3.59 14.83 5.57
CA GLY A 193 2.96 15.25 4.33
C GLY A 193 3.17 14.31 3.16
N ASN A 194 4.04 13.30 3.29
CA ASN A 194 4.25 12.35 2.21
C ASN A 194 2.95 11.61 1.89
N VAL A 195 2.78 11.28 0.61
CA VAL A 195 1.57 10.61 0.13
C VAL A 195 1.97 9.47 -0.81
N THR A 196 1.40 8.29 -0.58
CA THR A 196 1.47 7.21 -1.55
C THR A 196 0.15 7.15 -2.29
N PRO A 197 0.08 7.53 -3.57
CA PRO A 197 -1.21 7.59 -4.26
C PRO A 197 -1.93 6.24 -4.27
N ALA A 198 -3.22 6.31 -4.59
CA ALA A 198 -4.08 5.14 -4.51
C ALA A 198 -3.61 4.02 -5.42
N HIS A 199 -3.66 2.80 -4.91
CA HIS A 199 -3.25 1.61 -5.63
C HIS A 199 -3.77 0.40 -4.86
N TYR A 200 -3.75 -0.75 -5.51
CA TYR A 200 -4.04 -2.02 -4.87
C TYR A 200 -2.86 -2.96 -5.03
N ASP A 201 -2.70 -3.84 -4.05
CA ASP A 201 -1.62 -4.82 -4.04
C ASP A 201 -2.19 -6.21 -4.24
N GLU A 202 -1.38 -7.08 -4.85
CA GLU A 202 -1.76 -8.47 -5.10
C GLU A 202 -1.36 -9.40 -3.97
N GLN A 203 -1.29 -8.88 -2.74
CA GLN A 203 -1.02 -9.69 -1.56
C GLN A 203 -1.85 -9.16 -0.40
N GLN A 204 -2.06 -10.03 0.59
CA GLN A 204 -2.67 -9.61 1.84
C GLN A 204 -1.65 -8.83 2.66
N ASN A 205 -2.15 -7.87 3.44
CA ASN A 205 -1.26 -6.92 4.12
C ASN A 205 -1.77 -6.64 5.52
N PHE A 206 -0.92 -6.86 6.52
CA PHE A 206 -1.11 -6.31 7.85
C PHE A 206 -0.16 -5.13 8.02
N PHE A 207 -0.74 -3.95 8.20
CA PHE A 207 -0.04 -2.67 8.10
C PHE A 207 0.16 -2.14 9.52
N ALA A 208 1.39 -2.28 10.04
CA ALA A 208 1.68 -2.08 11.46
C ALA A 208 2.36 -0.73 11.67
N GLN A 209 1.61 0.21 12.26
CA GLN A 209 2.13 1.56 12.48
C GLN A 209 3.00 1.58 13.73
N ILE A 210 4.11 2.34 13.66
CA ILE A 210 5.14 2.35 14.68
C ILE A 210 5.36 3.74 15.25
N LYS A 211 5.61 4.72 14.38
N LYS A 211 5.61 4.72 14.38
CA LYS A 211 5.86 6.10 14.78
CA LYS A 211 5.86 6.10 14.78
C LYS A 211 5.06 7.03 13.89
C LYS A 211 5.06 7.03 13.89
N GLY A 212 4.53 8.10 14.49
CA GLY A 212 3.74 9.05 13.73
C GLY A 212 2.38 8.49 13.38
N TYR A 213 1.67 9.25 12.55
CA TYR A 213 0.29 8.94 12.21
C TYR A 213 0.10 8.99 10.71
N LYS A 214 -0.66 8.03 10.19
CA LYS A 214 -0.93 7.90 8.77
C LYS A 214 -2.43 7.81 8.55
N ARG A 215 -2.95 8.66 7.66
CA ARG A 215 -4.33 8.59 7.23
C ARG A 215 -4.42 7.60 6.07
N CYS A 216 -5.27 6.59 6.22
CA CYS A 216 -5.44 5.55 5.21
C CYS A 216 -6.86 5.60 4.68
N ILE A 217 -6.99 5.74 3.36
CA ILE A 217 -8.29 5.76 2.69
C ILE A 217 -8.35 4.57 1.75
N LEU A 218 -9.24 3.63 2.03
CA LEU A 218 -9.38 2.41 1.25
C LEU A 218 -10.66 2.43 0.41
N PHE A 219 -10.62 1.73 -0.72
CA PHE A 219 -11.76 1.58 -1.60
C PHE A 219 -11.90 0.10 -1.95
N PRO A 220 -13.10 -0.47 -1.89
CA PRO A 220 -13.25 -1.91 -2.16
C PRO A 220 -12.96 -2.23 -3.63
N PRO A 221 -12.70 -3.50 -3.94
CA PRO A 221 -12.36 -3.85 -5.33
C PRO A 221 -13.45 -3.53 -6.34
N ASP A 222 -14.71 -3.42 -5.92
CA ASP A 222 -15.80 -3.16 -6.86
C ASP A 222 -15.85 -1.71 -7.33
N GLN A 223 -14.93 -0.87 -6.88
CA GLN A 223 -14.80 0.49 -7.40
C GLN A 223 -13.71 0.59 -8.46
N PHE A 224 -13.33 -0.54 -9.05
CA PHE A 224 -12.39 -0.55 -10.17
C PHE A 224 -12.77 0.47 -11.23
N GLU A 225 -14.07 0.57 -11.55
N GLU A 225 -14.07 0.56 -11.56
CA GLU A 225 -14.51 1.45 -12.62
CA GLU A 225 -14.52 1.45 -12.62
C GLU A 225 -14.35 2.92 -12.29
C GLU A 225 -14.33 2.93 -12.28
N CYS A 226 -14.19 3.26 -11.00
CA CYS A 226 -14.07 4.65 -10.58
C CYS A 226 -12.63 5.11 -10.38
N LEU A 227 -11.67 4.20 -10.40
CA LEU A 227 -10.30 4.53 -10.04
C LEU A 227 -9.30 4.36 -11.17
N TYR A 228 -9.68 3.74 -12.29
CA TYR A 228 -8.93 3.79 -13.53
C TYR A 228 -7.45 3.46 -13.36
N PRO A 229 -7.11 2.21 -13.05
CA PRO A 229 -5.71 1.82 -12.98
C PRO A 229 -5.03 1.97 -14.34
N TYR A 230 -3.72 2.24 -14.31
CA TYR A 230 -2.94 2.24 -15.52
C TYR A 230 -3.02 0.88 -16.20
N PRO A 231 -2.66 0.81 -17.49
CA PRO A 231 -2.54 -0.49 -18.14
C PRO A 231 -1.59 -1.41 -17.38
N VAL A 232 -1.83 -2.72 -17.50
CA VAL A 232 -1.05 -3.70 -16.76
C VAL A 232 0.43 -3.59 -17.12
N HIS A 233 0.74 -3.29 -18.38
CA HIS A 233 2.12 -3.23 -18.82
C HIS A 233 2.77 -1.88 -18.56
N HIS A 234 2.03 -0.92 -18.04
CA HIS A 234 2.61 0.37 -17.67
C HIS A 234 3.39 0.25 -16.37
N PRO A 235 4.47 1.01 -16.20
CA PRO A 235 5.21 0.96 -14.92
C PRO A 235 4.34 1.19 -13.70
N CYS A 236 3.31 2.02 -13.81
CA CYS A 236 2.38 2.28 -12.72
C CYS A 236 1.20 1.32 -12.71
N ASP A 237 1.39 0.10 -13.23
CA ASP A 237 0.41 -0.95 -13.05
C ASP A 237 -0.06 -1.01 -11.60
N ARG A 238 -1.37 -1.17 -11.41
CA ARG A 238 -2.07 -1.28 -10.13
C ARG A 238 -2.25 0.08 -9.46
N GLN A 239 -1.67 1.15 -9.97
CA GLN A 239 -1.85 2.48 -9.40
C GLN A 239 -2.96 3.21 -10.15
N SER A 240 -3.69 4.05 -9.43
CA SER A 240 -4.76 4.83 -10.04
C SER A 240 -4.19 5.93 -10.91
N GLN A 241 -4.83 6.17 -12.05
CA GLN A 241 -4.47 7.28 -12.92
C GLN A 241 -4.99 8.63 -12.41
N VAL A 242 -5.93 8.62 -11.47
CA VAL A 242 -6.59 9.86 -11.05
C VAL A 242 -5.67 10.62 -10.11
N ASP A 243 -5.48 11.91 -10.39
CA ASP A 243 -4.79 12.81 -9.47
C ASP A 243 -5.81 13.24 -8.43
N PHE A 244 -5.73 12.65 -7.24
CA PHE A 244 -6.67 12.97 -6.17
C PHE A 244 -6.66 14.45 -5.83
N ASP A 245 -5.59 15.17 -6.16
CA ASP A 245 -5.53 16.61 -5.87
C ASP A 245 -6.27 17.43 -6.92
N ASN A 246 -6.35 16.94 -8.15
CA ASN A 246 -7.07 17.65 -9.22
C ASN A 246 -7.67 16.62 -10.16
N PRO A 247 -8.80 16.01 -9.77
CA PRO A 247 -9.38 14.95 -10.60
C PRO A 247 -9.84 15.48 -11.95
N ASP A 248 -9.47 14.76 -13.01
CA ASP A 248 -9.91 15.08 -14.36
C ASP A 248 -11.18 14.29 -14.61
N TYR A 249 -12.33 14.93 -14.39
CA TYR A 249 -13.61 14.25 -14.48
C TYR A 249 -14.03 13.97 -15.92
N GLU A 250 -13.37 14.57 -16.91
CA GLU A 250 -13.68 14.25 -18.30
C GLU A 250 -13.02 12.94 -18.72
N ARG A 251 -11.80 12.69 -18.26
CA ARG A 251 -11.16 11.40 -18.51
C ARG A 251 -11.68 10.33 -17.57
N PHE A 252 -11.98 10.72 -16.33
CA PHE A 252 -12.31 9.78 -15.26
C PHE A 252 -13.66 10.15 -14.64
N PRO A 253 -14.74 10.09 -15.42
CA PRO A 253 -16.04 10.56 -14.91
C PRO A 253 -16.52 9.80 -13.68
N ASN A 254 -16.28 8.49 -13.61
CA ASN A 254 -16.80 7.72 -12.49
C ASN A 254 -16.04 7.95 -11.20
N PHE A 255 -14.95 8.72 -11.23
CA PHE A 255 -14.32 9.11 -9.96
C PHE A 255 -15.25 9.98 -9.13
N GLN A 256 -16.27 10.57 -9.76
CA GLN A 256 -17.29 11.31 -9.03
C GLN A 256 -18.19 10.40 -8.20
N ASN A 257 -18.02 9.07 -8.31
CA ASN A 257 -18.82 8.13 -7.56
C ASN A 257 -18.03 7.37 -6.50
N VAL A 258 -16.74 7.67 -6.31
CA VAL A 258 -15.95 6.93 -5.33
C VAL A 258 -16.42 7.26 -3.92
N VAL A 259 -16.31 6.27 -3.04
CA VAL A 259 -16.59 6.44 -1.61
C VAL A 259 -15.56 5.61 -0.85
N GLY A 260 -14.82 6.24 0.05
CA GLY A 260 -13.72 5.60 0.71
C GLY A 260 -14.05 5.12 2.12
N TYR A 261 -13.20 4.21 2.61
CA TYR A 261 -13.17 3.79 4.00
C TYR A 261 -11.91 4.37 4.62
N GLU A 262 -12.07 5.18 5.65
CA GLU A 262 -11.00 6.05 6.14
C GLU A 262 -10.67 5.75 7.60
N THR A 263 -9.40 5.94 7.94
CA THR A 263 -8.94 5.84 9.32
C THR A 263 -7.59 6.52 9.44
N VAL A 264 -7.20 6.81 10.67
CA VAL A 264 -5.88 7.33 11.00
C VAL A 264 -5.26 6.34 11.99
N VAL A 265 -4.18 5.69 11.57
CA VAL A 265 -3.48 4.73 12.42
C VAL A 265 -2.32 5.43 13.12
N GLY A 266 -2.08 5.02 14.36
CA GLY A 266 -0.98 5.54 15.14
C GLY A 266 -0.16 4.41 15.74
N PRO A 267 0.85 4.77 16.53
CA PRO A 267 1.71 3.74 17.13
C PRO A 267 0.90 2.67 17.83
N GLY A 268 1.14 1.42 17.47
CA GLY A 268 0.46 0.28 18.05
C GLY A 268 -0.70 -0.24 17.24
N ASP A 269 -1.24 0.56 16.33
CA ASP A 269 -2.36 0.12 15.50
C ASP A 269 -1.87 -0.76 14.36
N VAL A 270 -2.73 -1.69 13.95
CA VAL A 270 -2.47 -2.56 12.80
C VAL A 270 -3.71 -2.51 11.90
N LEU A 271 -3.52 -2.10 10.65
CA LEU A 271 -4.59 -2.03 9.68
C LEU A 271 -4.49 -3.24 8.76
N TYR A 272 -5.58 -4.01 8.68
CA TYR A 272 -5.67 -5.07 7.68
C TYR A 272 -6.11 -4.46 6.36
N ILE A 273 -5.21 -4.44 5.39
CA ILE A 273 -5.52 -4.00 4.03
C ILE A 273 -5.75 -5.24 3.20
N PRO A 274 -7.00 -5.62 2.93
CA PRO A 274 -7.23 -6.87 2.21
C PRO A 274 -6.72 -6.80 0.77
N MET A 275 -6.27 -7.95 0.28
CA MET A 275 -5.80 -8.07 -1.10
C MET A 275 -6.84 -7.50 -2.05
N TYR A 276 -6.35 -6.73 -3.03
CA TYR A 276 -7.09 -6.06 -4.11
C TYR A 276 -7.76 -4.76 -3.65
N TRP A 277 -7.83 -4.48 -2.35
CA TRP A 277 -8.43 -3.23 -1.91
C TRP A 277 -7.51 -2.06 -2.23
N TRP A 278 -8.05 -1.06 -2.92
CA TRP A 278 -7.31 0.17 -3.14
C TRP A 278 -7.03 0.85 -1.81
N HIS A 279 -5.89 1.53 -1.73
CA HIS A 279 -5.61 2.31 -0.53
C HIS A 279 -4.76 3.52 -0.88
N HIS A 280 -5.15 4.66 -0.33
CA HIS A 280 -4.41 5.91 -0.38
C HIS A 280 -3.94 6.22 1.03
N ILE A 281 -2.64 6.45 1.20
CA ILE A 281 -2.04 6.56 2.52
C ILE A 281 -1.13 7.79 2.54
N GLU A 282 -1.27 8.62 3.57
CA GLU A 282 -0.53 9.87 3.68
C GLU A 282 -0.06 10.08 5.11
N SER A 283 1.17 10.57 5.24
CA SER A 283 1.69 10.96 6.54
C SER A 283 1.15 12.33 6.92
N LEU A 284 0.56 12.43 8.10
CA LEU A 284 -0.16 13.63 8.49
C LEU A 284 0.70 14.87 8.36
N LEU A 285 0.07 15.96 7.93
CA LEU A 285 0.76 17.24 7.82
C LEU A 285 1.22 17.71 9.21
N ASN A 286 2.46 18.19 9.28
CA ASN A 286 3.03 18.71 10.52
C ASN A 286 3.05 17.65 11.62
N GLY A 287 3.15 16.39 11.25
CA GLY A 287 3.17 15.29 12.19
C GLY A 287 4.53 14.66 12.42
N GLY A 288 5.59 15.24 11.86
CA GLY A 288 6.89 14.63 11.98
C GLY A 288 7.02 13.40 11.09
N ILE A 289 8.10 12.66 11.30
CA ILE A 289 8.37 11.47 10.50
C ILE A 289 7.44 10.36 10.93
N THR A 290 7.12 9.47 10.00
CA THR A 290 6.31 8.29 10.24
C THR A 290 7.14 7.04 10.01
N ILE A 291 6.85 6.00 10.78
CA ILE A 291 7.50 4.70 10.63
C ILE A 291 6.41 3.64 10.58
N THR A 292 6.51 2.75 9.60
CA THR A 292 5.59 1.64 9.46
C THR A 292 6.37 0.41 9.01
N VAL A 293 5.90 -0.76 9.43
CA VAL A 293 6.35 -2.04 8.90
C VAL A 293 5.11 -2.82 8.49
N ASN A 294 5.06 -3.25 7.23
CA ASN A 294 3.94 -4.05 6.75
C ASN A 294 4.31 -5.52 6.75
N PHE A 295 3.28 -6.35 6.54
CA PHE A 295 3.42 -7.81 6.51
C PHE A 295 2.64 -8.30 5.29
N TRP A 296 3.36 -8.62 4.21
CA TRP A 296 2.75 -9.02 2.95
C TRP A 296 2.70 -10.54 2.86
N TYR A 297 1.50 -11.08 2.67
CA TYR A 297 1.27 -12.51 2.53
C TYR A 297 0.65 -12.82 1.18
N LYS A 298 1.10 -13.91 0.55
CA LYS A 298 0.47 -14.35 -0.67
C LYS A 298 -0.96 -14.81 -0.39
N GLY A 299 -1.87 -14.49 -1.30
CA GLY A 299 -3.26 -14.85 -1.11
C GLY A 299 -3.48 -16.35 -1.27
N ALA A 300 -4.60 -16.80 -0.70
CA ALA A 300 -4.98 -18.19 -0.83
C ALA A 300 -5.18 -18.54 -2.32
N PRO A 301 -5.07 -19.81 -2.68
CA PRO A 301 -5.24 -20.19 -4.08
C PRO A 301 -6.68 -19.99 -4.53
N THR A 302 -6.88 -20.16 -5.84
CA THR A 302 -8.24 -20.16 -6.36
C THR A 302 -9.02 -21.32 -5.76
N PRO A 303 -10.26 -21.11 -5.34
CA PRO A 303 -10.98 -22.18 -4.65
C PRO A 303 -11.20 -23.40 -5.54
N LYS A 304 -11.44 -24.54 -4.90
CA LYS A 304 -11.63 -25.78 -5.64
C LYS A 304 -12.81 -25.68 -6.59
N ARG A 305 -13.94 -25.18 -6.10
CA ARG A 305 -15.15 -25.03 -6.90
C ARG A 305 -15.45 -23.54 -7.06
N ILE A 306 -15.54 -23.10 -8.32
CA ILE A 306 -15.86 -21.71 -8.62
C ILE A 306 -17.36 -21.52 -8.50
N GLU A 307 -17.77 -20.46 -7.81
CA GLU A 307 -19.18 -20.14 -7.61
C GLU A 307 -19.52 -18.84 -8.32
N TYR A 308 -20.69 -18.81 -8.96
CA TYR A 308 -21.10 -17.67 -9.75
C TYR A 308 -22.31 -16.97 -9.13
N PRO A 309 -22.45 -15.65 -9.35
CA PRO A 309 -21.54 -14.81 -10.14
C PRO A 309 -20.24 -14.51 -9.39
N LEU A 310 -19.20 -14.16 -10.13
CA LEU A 310 -17.88 -13.97 -9.54
C LEU A 310 -17.85 -12.70 -8.70
N LYS A 311 -16.92 -12.68 -7.75
CA LYS A 311 -16.69 -11.49 -6.95
C LYS A 311 -15.92 -10.45 -7.74
N ALA A 312 -15.97 -9.20 -7.26
CA ALA A 312 -15.27 -8.13 -7.93
C ALA A 312 -13.79 -8.44 -8.10
N HIS A 313 -13.14 -8.97 -7.06
CA HIS A 313 -11.70 -9.21 -7.15
C HIS A 313 -11.38 -10.33 -8.14
N GLN A 314 -12.31 -11.26 -8.35
CA GLN A 314 -12.09 -12.29 -9.36
C GLN A 314 -12.17 -11.70 -10.76
N LYS A 315 -13.08 -10.76 -10.99
CA LYS A 315 -13.12 -10.08 -12.28
C LYS A 315 -11.87 -9.24 -12.50
N VAL A 316 -11.32 -8.64 -11.45
CA VAL A 316 -10.05 -7.93 -11.58
C VAL A 316 -8.95 -8.89 -12.02
N ALA A 317 -8.90 -10.07 -11.40
CA ALA A 317 -7.90 -11.06 -11.79
C ALA A 317 -8.05 -11.45 -13.25
N ILE A 318 -9.30 -11.56 -13.72
CA ILE A 318 -9.54 -11.91 -15.11
C ILE A 318 -9.06 -10.80 -16.03
N MET A 319 -9.44 -9.56 -15.74
CA MET A 319 -9.04 -8.44 -16.59
C MET A 319 -7.51 -8.35 -16.68
N ARG A 320 -6.82 -8.51 -15.55
CA ARG A 320 -5.36 -8.50 -15.57
C ARG A 320 -4.82 -9.58 -16.51
N ASN A 321 -5.38 -10.79 -16.41
CA ASN A 321 -4.87 -11.89 -17.23
C ASN A 321 -5.17 -11.67 -18.72
N ILE A 322 -6.29 -11.02 -19.04
CA ILE A 322 -6.57 -10.70 -20.44
C ILE A 322 -5.51 -9.75 -20.98
N GLU A 323 -5.18 -8.70 -20.20
CA GLU A 323 -4.18 -7.75 -20.65
C GLU A 323 -2.80 -8.41 -20.76
N LYS A 324 -2.48 -9.30 -19.83
CA LYS A 324 -1.20 -10.01 -19.90
C LYS A 324 -1.13 -10.88 -21.15
N MET A 325 -2.21 -11.64 -21.43
CA MET A 325 -2.21 -12.54 -22.58
C MET A 325 -2.05 -11.76 -23.88
N LEU A 326 -2.80 -10.66 -24.03
CA LEU A 326 -2.74 -9.90 -25.26
C LEU A 326 -1.37 -9.27 -25.46
N GLY A 327 -0.78 -8.74 -24.39
CA GLY A 327 0.57 -8.19 -24.51
C GLY A 327 1.56 -9.23 -25.00
N GLU A 328 1.38 -10.48 -24.59
CA GLU A 328 2.27 -11.55 -25.03
C GLU A 328 1.94 -11.99 -26.45
N ALA A 329 0.66 -12.26 -26.73
CA ALA A 329 0.28 -12.77 -28.04
C ALA A 329 0.59 -11.78 -29.14
N LEU A 330 0.34 -10.49 -28.90
CA LEU A 330 0.62 -9.46 -29.89
C LEU A 330 2.10 -9.14 -30.02
N GLY A 331 2.94 -9.63 -29.11
CA GLY A 331 4.36 -9.34 -29.17
C GLY A 331 4.74 -7.91 -28.88
N ASN A 332 3.81 -7.10 -28.39
CA ASN A 332 4.10 -5.71 -28.07
C ASN A 332 2.99 -5.16 -27.18
N PRO A 333 3.30 -4.74 -25.95
CA PRO A 333 2.22 -4.31 -25.05
C PRO A 333 1.46 -3.10 -25.55
N GLN A 334 2.07 -2.25 -26.37
CA GLN A 334 1.40 -1.05 -26.84
C GLN A 334 0.35 -1.32 -27.90
N GLU A 335 0.29 -2.54 -28.43
CA GLU A 335 -0.79 -2.95 -29.32
C GLU A 335 -2.01 -3.48 -28.57
N VAL A 336 -1.94 -3.55 -27.24
CA VAL A 336 -3.06 -4.09 -26.47
C VAL A 336 -4.27 -3.17 -26.58
N GLY A 337 -4.07 -1.87 -26.41
CA GLY A 337 -5.16 -0.92 -26.45
C GLY A 337 -5.89 -0.91 -27.77
N PRO A 338 -5.16 -0.75 -28.87
CA PRO A 338 -5.80 -0.75 -30.19
C PRO A 338 -6.67 -1.98 -30.46
N LEU A 339 -6.18 -3.17 -30.12
CA LEU A 339 -6.98 -4.37 -30.35
C LEU A 339 -8.21 -4.38 -29.46
N LEU A 340 -8.05 -4.00 -28.20
CA LEU A 340 -9.20 -3.95 -27.30
C LEU A 340 -10.27 -2.99 -27.82
N ASN A 341 -9.86 -1.81 -28.29
CA ASN A 341 -10.83 -0.87 -28.84
C ASN A 341 -11.50 -1.42 -30.09
N THR A 342 -10.72 -2.06 -30.96
CA THR A 342 -11.30 -2.69 -32.15
C THR A 342 -12.36 -3.71 -31.77
N MET A 343 -12.12 -4.45 -30.68
CA MET A 343 -13.07 -5.49 -30.29
C MET A 343 -14.43 -4.92 -29.90
N ILE A 344 -14.46 -3.70 -29.38
CA ILE A 344 -15.62 -3.19 -28.66
C ILE A 344 -16.37 -2.12 -29.45
N LYS A 345 -15.65 -1.24 -30.13
CA LYS A 345 -16.32 -0.13 -30.82
C LYS A 345 -17.41 -0.64 -31.74
N GLY A 346 -18.65 -0.21 -31.46
CA GLY A 346 -19.79 -0.64 -32.25
C GLY A 346 -20.18 -2.09 -32.08
N ARG A 347 -19.56 -2.80 -31.13
CA ARG A 347 -19.85 -4.21 -30.90
C ARG A 347 -20.33 -4.47 -29.48
N TYR A 348 -19.65 -3.90 -28.47
CA TYR A 348 -20.03 -4.07 -27.08
C TYR A 348 -20.29 -2.75 -26.36
N ASN A 349 -20.11 -1.61 -27.02
CA ASN A 349 -20.31 -0.32 -26.38
C ASN A 349 -21.45 0.45 -27.01
N LEU B 2 -14.01 -26.23 -17.21
CA LEU B 2 -13.82 -25.40 -16.04
C LEU B 2 -12.37 -24.90 -15.95
N GLU B 3 -11.55 -25.25 -16.94
CA GLU B 3 -10.14 -24.89 -16.89
C GLU B 3 -9.90 -23.46 -17.36
N VAL B 4 -10.63 -23.02 -18.40
CA VAL B 4 -10.49 -21.63 -18.84
C VAL B 4 -10.73 -20.68 -17.67
N ALA B 5 -11.79 -20.94 -16.91
CA ALA B 5 -12.09 -20.11 -15.74
C ALA B 5 -10.93 -20.17 -14.74
N GLU B 6 -10.49 -21.36 -14.38
CA GLU B 6 -9.39 -21.49 -13.43
C GLU B 6 -8.15 -20.77 -13.94
N TYR B 7 -7.89 -20.85 -15.24
CA TYR B 7 -6.72 -20.19 -15.81
C TYR B 7 -6.80 -18.67 -15.64
N LEU B 8 -7.94 -18.09 -16.00
CA LEU B 8 -8.10 -16.64 -15.94
C LEU B 8 -8.28 -16.11 -14.53
N LEU B 9 -8.56 -16.97 -13.56
CA LEU B 9 -8.70 -16.54 -12.17
C LEU B 9 -7.37 -16.52 -11.41
N GLN B 10 -6.30 -17.07 -12.00
CA GLN B 10 -5.01 -17.08 -11.33
C GLN B 10 -4.53 -15.66 -11.09
N HIS B 11 -3.92 -15.44 -9.93
CA HIS B 11 -3.39 -14.14 -9.54
C HIS B 11 -1.88 -14.23 -9.32
N GLY B 12 -1.21 -13.09 -9.50
CA GLY B 12 0.19 -12.95 -9.17
C GLY B 12 0.36 -12.55 -7.72
N ALA B 13 1.51 -11.93 -7.44
CA ALA B 13 1.83 -11.46 -6.10
C ALA B 13 2.54 -10.11 -6.16
N ASP B 14 2.17 -9.28 -7.13
CA ASP B 14 2.83 -8.00 -7.30
C ASP B 14 2.43 -7.02 -6.21
N VAL B 15 3.41 -6.31 -5.67
CA VAL B 15 3.21 -5.30 -4.64
C VAL B 15 4.08 -4.10 -4.97
N ASN B 16 3.86 -3.01 -4.25
CA ASN B 16 4.65 -1.79 -4.42
C ASN B 16 6.03 -1.94 -3.76
N ALA B 17 6.83 -2.84 -4.32
CA ALA B 17 8.20 -3.04 -3.87
C ALA B 17 8.97 -3.71 -5.00
N GLN B 18 10.02 -3.05 -5.47
CA GLN B 18 10.84 -3.57 -6.55
C GLN B 18 11.43 -4.93 -6.18
#